data_9NFD
#
_entry.id   9NFD
#
_cell.length_a   60.405
_cell.length_b   100.972
_cell.length_c   148.185
_cell.angle_alpha   90.000
_cell.angle_beta   90.000
_cell.angle_gamma   90.000
#
_symmetry.space_group_name_H-M   'C 2 2 21'
#
loop_
_entity.id
_entity.type
_entity.pdbx_description
1 polymer 'Cis-3-chloroacrylic acid dehalogenase'
2 non-polymer '3-oxidanylidenepropanoic acid'
3 non-polymer 'prop-2-ynoic acid'
4 water water
#
_entity_poly.entity_id   1
_entity_poly.type   'polypeptide(L)'
_entity_poly.pdbx_seq_one_letter_code
;PVYMVYVSQDRLTPSAKHAVAKAITDAHRGLTGTQHFLAQVNFQEQPAGNVFLGGVQQGGDTIFVHGLHREGRSADLKGQ
LAQRIVDDVSVAAEIDRKHIWVYFGEMPAQQMVNYGRFLPQPGHEGEWFDNLSSDERAFMETNVDVSRTENLYFQGLEHH
HHHH
;
_entity_poly.pdbx_strand_id   B,C,A
#
loop_
_chem_comp.id
_chem_comp.type
_chem_comp.name
_chem_comp.formula
A1BXY non-polymer 'prop-2-ynoic acid' 'C3 H2 O2'
FK2 non-polymer '3-oxidanylidenepropanoic acid' 'C3 H4 O3'
#
# COMPACT_ATOMS: atom_id res chain seq x y z
N PRO A 1 6.76 12.91 -2.07
CA PRO A 1 5.86 11.85 -1.61
C PRO A 1 5.61 10.78 -2.66
N VAL A 2 5.07 9.64 -2.23
CA VAL A 2 4.58 8.62 -3.15
C VAL A 2 3.05 8.64 -3.08
N TYR A 3 2.41 8.83 -4.23
CA TYR A 3 0.96 8.72 -4.36
C TYR A 3 0.66 7.53 -5.26
N MET A 4 0.19 6.46 -4.64
CA MET A 4 -0.34 5.33 -5.36
C MET A 4 -1.81 5.60 -5.71
N VAL A 5 -2.11 5.56 -7.01
CA VAL A 5 -3.42 5.92 -7.53
C VAL A 5 -4.02 4.66 -8.14
N TYR A 6 -5.08 4.16 -7.53
CA TYR A 6 -5.69 2.88 -7.90
C TYR A 6 -6.93 3.17 -8.74
N VAL A 7 -6.93 2.70 -9.99
CA VAL A 7 -7.98 2.96 -10.97
C VAL A 7 -8.10 1.75 -11.91
N SER A 8 -9.26 1.62 -12.53
CA SER A 8 -9.49 0.50 -13.43
C SER A 8 -8.80 0.72 -14.76
N GLN A 9 -8.40 -0.38 -15.42
CA GLN A 9 -7.70 -0.28 -16.69
C GLN A 9 -8.57 0.42 -17.71
N ASP A 10 -7.94 1.30 -18.50
CA ASP A 10 -8.54 2.08 -19.57
C ASP A 10 -9.52 3.14 -19.09
N ARG A 11 -9.72 3.30 -17.78
CA ARG A 11 -10.53 4.42 -17.31
C ARG A 11 -9.85 5.76 -17.60
N LEU A 12 -8.53 5.80 -17.53
CA LEU A 12 -7.76 7.02 -17.77
C LEU A 12 -7.01 6.90 -19.09
N THR A 13 -7.16 7.91 -19.95
CA THR A 13 -6.31 8.01 -21.12
C THR A 13 -4.90 8.41 -20.68
N PRO A 14 -3.90 8.23 -21.55
CA PRO A 14 -2.56 8.71 -21.19
C PRO A 14 -2.51 10.17 -20.84
N SER A 15 -3.39 11.00 -21.43
CA SER A 15 -3.38 12.41 -21.10
C SER A 15 -4.14 12.71 -19.81
N ALA A 16 -5.20 11.99 -19.53
CA ALA A 16 -5.87 12.17 -18.25
C ALA A 16 -4.96 11.75 -17.10
N LYS A 17 -4.11 10.74 -17.32
CA LYS A 17 -3.17 10.31 -16.28
C LYS A 17 -2.13 11.38 -16.01
N HIS A 18 -1.59 11.97 -17.06
CA HIS A 18 -0.72 13.14 -16.86
C HIS A 18 -1.44 14.23 -16.06
N ALA A 19 -2.71 14.49 -16.38
CA ALA A 19 -3.41 15.60 -15.75
C ALA A 19 -3.71 15.31 -14.29
N VAL A 20 -4.02 14.05 -13.97
CA VAL A 20 -4.19 13.66 -12.57
C VAL A 20 -2.87 13.72 -11.82
N ALA A 21 -1.79 13.19 -12.42
CA ALA A 21 -0.45 13.33 -11.86
C ALA A 21 -0.10 14.79 -11.60
N LYS A 22 -0.32 15.65 -12.59
CA LYS A 22 -0.05 17.07 -12.40
C LYS A 22 -0.91 17.66 -11.29
N ALA A 23 -2.18 17.25 -11.23
CA ALA A 23 -3.08 17.82 -10.24
C ALA A 23 -2.62 17.52 -8.82
N ILE A 24 -2.29 16.25 -8.56
CA ILE A 24 -1.77 15.84 -7.26
C ILE A 24 -0.43 16.51 -6.97
N THR A 25 0.48 16.52 -7.96
CA THR A 25 1.82 17.05 -7.74
C THR A 25 1.78 18.54 -7.40
N ASP A 26 0.92 19.30 -8.05
CA ASP A 26 0.85 20.72 -7.77
C ASP A 26 0.09 21.00 -6.46
N ALA A 27 -0.85 20.14 -6.11
CA ALA A 27 -1.45 20.21 -4.79
C ALA A 27 -0.38 20.03 -3.71
N HIS A 28 0.42 18.97 -3.84
CA HIS A 28 1.42 18.69 -2.80
C HIS A 28 2.47 19.79 -2.74
N ARG A 29 2.97 20.23 -3.90
CA ARG A 29 3.95 21.31 -3.91
C ARG A 29 3.37 22.58 -3.30
N GLY A 30 2.22 23.04 -3.83
CA GLY A 30 1.57 24.25 -3.36
C GLY A 30 1.49 24.37 -1.85
N LEU A 31 1.03 23.31 -1.18
CA LEU A 31 0.69 23.38 0.24
C LEU A 31 1.82 22.94 1.16
N THR A 32 2.74 22.09 0.69
CA THR A 32 3.87 21.63 1.50
C THR A 32 5.19 22.29 1.14
N GLY A 33 5.31 22.90 -0.04
CA GLY A 33 6.56 23.52 -0.46
C GLY A 33 7.59 22.56 -1.03
N THR A 34 7.36 21.26 -0.92
CA THR A 34 8.24 20.26 -1.53
C THR A 34 8.38 20.49 -3.04
N GLN A 35 9.60 20.33 -3.56
CA GLN A 35 9.85 20.57 -4.97
C GLN A 35 9.08 19.58 -5.83
N HIS A 36 8.74 20.01 -7.04
CA HIS A 36 8.06 19.20 -8.03
C HIS A 36 8.61 17.77 -8.07
N PHE A 37 9.91 17.64 -8.37
CA PHE A 37 10.52 16.34 -8.64
C PHE A 37 10.47 15.35 -7.47
N LEU A 38 10.20 15.82 -6.24
CA LEU A 38 10.02 14.88 -5.14
C LEU A 38 8.62 14.25 -5.09
N ALA A 39 7.69 14.68 -5.96
CA ALA A 39 6.35 14.11 -5.98
C ALA A 39 6.29 12.94 -6.96
N GLN A 40 6.12 11.72 -6.45
CA GLN A 40 5.93 10.55 -7.30
C GLN A 40 4.44 10.20 -7.32
N VAL A 41 3.91 9.96 -8.51
CA VAL A 41 2.54 9.50 -8.71
C VAL A 41 2.61 8.20 -9.50
N ASN A 42 2.10 7.13 -8.91
CA ASN A 42 2.30 5.77 -9.41
C ASN A 42 0.91 5.18 -9.67
N PHE A 43 0.55 5.03 -10.94
CA PHE A 43 -0.76 4.53 -11.26
C PHE A 43 -0.78 3.01 -11.17
N GLN A 44 -1.71 2.50 -10.38
CA GLN A 44 -1.90 1.07 -10.21
C GLN A 44 -3.22 0.70 -10.88
N GLU A 45 -3.12 0.16 -12.09
CA GLU A 45 -4.28 -0.21 -12.86
C GLU A 45 -4.64 -1.66 -12.58
N GLN A 46 -5.94 -1.93 -12.56
CA GLN A 46 -6.55 -3.25 -12.46
C GLN A 46 -7.76 -3.29 -13.39
N PRO A 47 -8.13 -4.46 -13.90
CA PRO A 47 -9.36 -4.54 -14.70
C PRO A 47 -10.59 -4.15 -13.88
N ALA A 48 -11.52 -3.46 -14.55
CA ALA A 48 -12.77 -3.04 -13.93
C ALA A 48 -13.51 -4.23 -13.36
N GLY A 49 -14.14 -4.03 -12.20
CA GLY A 49 -14.78 -5.13 -11.49
C GLY A 49 -13.93 -5.80 -10.43
N ASN A 50 -12.70 -5.32 -10.19
CA ASN A 50 -11.90 -5.79 -9.06
C ASN A 50 -12.13 -4.97 -7.80
N VAL A 51 -12.97 -3.94 -7.88
CA VAL A 51 -13.31 -3.08 -6.75
C VAL A 51 -14.72 -3.43 -6.30
N PHE A 52 -14.89 -3.65 -5.00
CA PHE A 52 -16.20 -3.87 -4.41
C PHE A 52 -16.49 -2.79 -3.37
N LEU A 53 -17.77 -2.43 -3.28
CA LEU A 53 -18.23 -1.45 -2.28
C LEU A 53 -19.48 -2.02 -1.60
N GLY A 54 -19.38 -2.26 -0.30
CA GLY A 54 -20.43 -2.95 0.41
C GLY A 54 -20.79 -4.27 -0.22
N GLY A 55 -19.83 -4.94 -0.83
CA GLY A 55 -20.07 -6.20 -1.49
C GLY A 55 -20.56 -6.09 -2.93
N VAL A 56 -20.77 -4.88 -3.43
CA VAL A 56 -21.32 -4.67 -4.77
C VAL A 56 -20.18 -4.46 -5.75
N GLN A 57 -20.16 -5.27 -6.81
CA GLN A 57 -19.15 -5.11 -7.85
C GLN A 57 -19.33 -3.79 -8.59
N GLN A 58 -18.22 -3.12 -8.85
CA GLN A 58 -18.20 -1.77 -9.40
C GLN A 58 -17.76 -1.76 -10.85
N GLY A 59 -18.08 -0.66 -11.52
CA GLY A 59 -17.54 -0.39 -12.83
C GLY A 59 -16.13 0.11 -12.68
N GLY A 60 -15.70 1.00 -13.55
CA GLY A 60 -14.31 1.37 -13.48
C GLY A 60 -14.09 2.80 -13.07
N ASP A 61 -15.08 3.41 -12.40
CA ASP A 61 -15.00 4.81 -12.01
C ASP A 61 -14.28 5.08 -10.69
N THR A 62 -14.18 4.10 -9.79
CA THR A 62 -13.63 4.40 -8.47
C THR A 62 -12.14 4.70 -8.54
N ILE A 63 -11.71 5.69 -7.77
CA ILE A 63 -10.30 6.08 -7.68
C ILE A 63 -9.90 6.15 -6.21
N PHE A 64 -8.91 5.35 -5.83
CA PHE A 64 -8.37 5.40 -4.49
C PHE A 64 -6.93 5.91 -4.58
N VAL A 65 -6.64 6.99 -3.84
CA VAL A 65 -5.30 7.55 -3.75
C VAL A 65 -4.78 7.33 -2.33
N HIS A 66 -3.68 6.60 -2.22
CA HIS A 66 -3.00 6.32 -0.97
C HIS A 66 -1.72 7.14 -0.97
N GLY A 67 -1.73 8.25 -0.25
CA GLY A 67 -0.56 9.10 -0.14
C GLY A 67 0.31 8.67 1.02
N LEU A 68 1.61 8.59 0.78
CA LEU A 68 2.57 8.21 1.80
C LEU A 68 3.45 9.41 2.06
N HIS A 69 3.40 9.92 3.30
CA HIS A 69 3.97 11.21 3.67
C HIS A 69 5.00 11.03 4.80
N ARG A 70 5.81 12.06 4.99
CA ARG A 70 6.56 12.21 6.24
C ARG A 70 5.65 12.74 7.36
N GLU A 71 5.87 12.27 8.59
CA GLU A 71 5.26 12.94 9.75
C GLU A 71 5.82 14.34 9.93
N GLY A 72 5.01 15.19 10.56
CA GLY A 72 5.47 16.53 10.89
C GLY A 72 4.55 17.65 10.47
N ARG A 73 3.54 17.34 9.66
CA ARG A 73 2.59 18.35 9.24
C ARG A 73 1.32 18.24 10.10
N SER A 74 0.56 19.33 10.13
CA SER A 74 -0.57 19.45 11.03
C SER A 74 -1.81 18.81 10.42
N ALA A 75 -2.70 18.34 11.29
CA ALA A 75 -3.98 17.79 10.85
C ALA A 75 -4.68 18.74 9.89
N ASP A 76 -4.58 20.05 10.17
CA ASP A 76 -5.27 21.03 9.37
C ASP A 76 -4.72 21.10 7.95
N LEU A 77 -3.39 21.15 7.82
CA LEU A 77 -2.77 21.19 6.50
C LEU A 77 -3.09 19.92 5.70
N LYS A 78 -3.06 18.76 6.36
CA LYS A 78 -3.40 17.52 5.69
C LYS A 78 -4.88 17.49 5.26
N GLY A 79 -5.75 18.16 6.02
CA GLY A 79 -7.14 18.28 5.62
C GLY A 79 -7.30 19.07 4.33
N GLN A 80 -6.64 20.24 4.26
CA GLN A 80 -6.64 21.02 3.03
C GLN A 80 -6.01 20.24 1.87
N LEU A 81 -4.93 19.51 2.12
CA LEU A 81 -4.30 18.74 1.05
C LEU A 81 -5.23 17.66 0.53
N ALA A 82 -5.91 16.96 1.45
CA ALA A 82 -6.80 15.88 1.04
C ALA A 82 -7.98 16.44 0.25
N GLN A 83 -8.62 17.48 0.77
CA GLN A 83 -9.73 18.10 0.05
C GLN A 83 -9.30 18.58 -1.34
N ARG A 84 -8.14 19.24 -1.42
CA ARG A 84 -7.69 19.75 -2.71
C ARG A 84 -7.48 18.61 -3.70
N ILE A 85 -6.91 17.49 -3.23
CA ILE A 85 -6.72 16.34 -4.11
C ILE A 85 -8.07 15.86 -4.65
N VAL A 86 -9.05 15.71 -3.76
CA VAL A 86 -10.40 15.34 -4.19
C VAL A 86 -10.90 16.28 -5.27
N ASP A 87 -10.80 17.59 -5.02
CA ASP A 87 -11.36 18.57 -5.95
C ASP A 87 -10.62 18.56 -7.29
N ASP A 88 -9.28 18.63 -7.26
CA ASP A 88 -8.56 18.78 -8.51
C ASP A 88 -8.40 17.48 -9.26
N VAL A 89 -8.40 16.33 -8.56
CA VAL A 89 -8.41 15.07 -9.30
C VAL A 89 -9.77 14.89 -9.96
N SER A 90 -10.83 15.28 -9.26
CA SER A 90 -12.17 15.27 -9.84
C SER A 90 -12.18 15.98 -11.19
N VAL A 91 -11.65 17.19 -11.22
CA VAL A 91 -11.61 17.97 -12.44
C VAL A 91 -10.74 17.27 -13.49
N ALA A 92 -9.47 16.99 -13.14
CA ALA A 92 -8.51 16.48 -14.12
C ALA A 92 -8.94 15.13 -14.71
N ALA A 93 -9.69 14.31 -13.96
CA ALA A 93 -10.10 13.00 -14.44
C ALA A 93 -11.52 13.00 -14.99
N GLU A 94 -12.24 14.11 -14.89
CA GLU A 94 -13.65 14.18 -15.30
C GLU A 94 -14.47 13.09 -14.63
N ILE A 95 -14.26 12.95 -13.32
CA ILE A 95 -14.93 11.93 -12.52
C ILE A 95 -15.51 12.59 -11.28
N ASP A 96 -16.78 12.33 -10.99
CA ASP A 96 -17.42 12.96 -9.85
C ASP A 96 -16.68 12.62 -8.57
N ARG A 97 -16.62 13.59 -7.65
CA ARG A 97 -15.82 13.49 -6.45
C ARG A 97 -16.21 12.28 -5.63
N LYS A 98 -17.47 11.91 -5.69
CA LYS A 98 -18.02 10.84 -4.88
C LYS A 98 -17.44 9.48 -5.25
N HIS A 99 -16.70 9.38 -6.35
CA HIS A 99 -15.96 8.18 -6.70
C HIS A 99 -14.55 8.14 -6.10
N ILE A 100 -14.08 9.22 -5.46
CA ILE A 100 -12.67 9.39 -5.12
C ILE A 100 -12.46 9.17 -3.61
N TRP A 101 -11.50 8.30 -3.30
CA TRP A 101 -11.12 7.94 -1.93
C TRP A 101 -9.67 8.34 -1.70
N VAL A 102 -9.40 9.07 -0.61
CA VAL A 102 -8.06 9.56 -0.32
C VAL A 102 -7.65 9.17 1.11
N TYR A 103 -6.52 8.47 1.25
CA TYR A 103 -5.92 8.20 2.56
C TYR A 103 -4.46 8.67 2.59
N PHE A 104 -4.08 9.34 3.66
CA PHE A 104 -2.70 9.77 3.89
C PHE A 104 -2.10 8.93 5.03
N GLY A 105 -1.09 8.12 4.70
CA GLY A 105 -0.25 7.48 5.71
C GLY A 105 1.05 8.25 5.91
N GLU A 106 1.49 8.31 7.17
CA GLU A 106 2.69 9.05 7.57
C GLU A 106 3.74 8.13 8.19
N MET A 107 5.01 8.48 7.99
CA MET A 107 6.15 7.75 8.51
C MET A 107 7.22 8.77 8.88
N PRO A 108 8.14 8.44 9.79
CA PRO A 108 9.28 9.34 10.02
C PRO A 108 10.18 9.42 8.78
N ALA A 109 10.57 10.64 8.42
CA ALA A 109 11.42 10.85 7.27
C ALA A 109 12.74 10.07 7.33
N GLN A 110 13.15 9.64 8.54
CA GLN A 110 14.39 8.88 8.76
C GLN A 110 14.33 7.46 8.19
N GLN A 111 13.14 6.93 7.93
CA GLN A 111 13.01 5.63 7.28
C GLN A 111 12.35 5.74 5.90
N MET A 112 12.61 6.86 5.21
CA MET A 112 12.08 7.06 3.85
C MET A 112 13.18 7.54 2.91
N VAL A 113 13.16 7.01 1.69
CA VAL A 113 14.22 7.23 0.71
C VAL A 113 13.59 7.66 -0.61
N ASN A 114 14.03 8.80 -1.13
CA ASN A 114 13.71 9.25 -2.49
C ASN A 114 15.01 9.33 -3.29
N TYR A 115 14.98 8.93 -4.55
CA TYR A 115 16.15 8.90 -5.43
C TYR A 115 17.41 8.43 -4.68
N GLY A 116 17.34 7.25 -4.07
CA GLY A 116 18.50 6.73 -3.37
C GLY A 116 18.94 7.43 -2.09
N ARG A 117 18.27 8.51 -1.67
CA ARG A 117 18.71 9.25 -0.49
C ARG A 117 17.55 9.45 0.49
N PHE A 118 17.93 9.60 1.76
CA PHE A 118 16.97 9.82 2.84
C PHE A 118 16.39 11.23 2.77
N LEU A 119 15.09 11.32 2.96
CA LEU A 119 14.37 12.59 2.96
C LEU A 119 14.83 13.47 4.13
N PRO A 120 14.67 14.79 4.00
CA PRO A 120 14.83 15.65 5.17
C PRO A 120 13.52 15.74 5.93
N GLN A 121 13.48 16.58 6.96
CA GLN A 121 12.23 16.85 7.65
C GLN A 121 11.39 17.84 6.85
N PRO A 122 10.06 17.91 7.13
CA PRO A 122 9.16 18.73 6.32
C PRO A 122 9.37 20.25 6.31
N GLY A 123 10.55 20.73 6.71
CA GLY A 123 10.86 22.13 6.51
C GLY A 123 12.06 22.40 5.61
N HIS A 124 12.82 21.35 5.27
CA HIS A 124 14.22 21.51 4.87
C HIS A 124 14.51 20.86 3.53
N GLU A 125 13.61 21.00 2.55
CA GLU A 125 13.91 20.44 1.24
C GLU A 125 15.00 21.23 0.52
N GLY A 126 14.93 22.57 0.58
CA GLY A 126 15.87 23.39 -0.19
C GLY A 126 17.32 23.13 0.17
N GLU A 127 17.63 23.19 1.46
CA GLU A 127 18.99 22.90 1.93
C GLU A 127 19.37 21.45 1.71
N TRP A 128 18.41 20.53 1.85
CA TRP A 128 18.66 19.13 1.53
C TRP A 128 19.05 18.99 0.06
N PHE A 129 18.27 19.60 -0.81
CA PHE A 129 18.58 19.54 -2.24
C PHE A 129 19.93 20.18 -2.53
N ASP A 130 20.17 21.38 -1.97
CA ASP A 130 21.41 22.10 -2.26
C ASP A 130 22.64 21.28 -1.91
N ASN A 131 22.53 20.42 -0.90
CA ASN A 131 23.67 19.63 -0.45
C ASN A 131 23.80 18.31 -1.19
N LEU A 132 22.88 18.00 -2.11
CA LEU A 132 23.05 16.79 -2.91
C LEU A 132 24.21 16.99 -3.87
N SER A 133 24.64 15.87 -4.48
CA SER A 133 25.70 15.97 -5.46
C SER A 133 25.13 16.53 -6.76
N SER A 134 26.02 17.10 -7.57
CA SER A 134 25.60 17.84 -8.76
C SER A 134 24.97 16.95 -9.82
N ASP A 135 25.35 15.68 -9.90
CA ASP A 135 24.66 14.81 -10.84
C ASP A 135 23.29 14.41 -10.32
N GLU A 136 23.16 14.23 -9.00
CA GLU A 136 21.86 13.92 -8.42
C GLU A 136 20.91 15.10 -8.59
N ARG A 137 21.40 16.31 -8.28
CA ARG A 137 20.59 17.51 -8.48
C ARG A 137 20.13 17.60 -9.92
N ALA A 138 21.04 17.35 -10.87
CA ALA A 138 20.72 17.44 -12.29
C ALA A 138 19.67 16.43 -12.69
N PHE A 139 19.74 15.20 -12.14
CA PHE A 139 18.76 14.18 -12.48
C PHE A 139 17.39 14.53 -11.92
N MET A 140 17.34 15.03 -10.69
CA MET A 140 16.05 15.40 -10.09
C MET A 140 15.40 16.55 -10.83
N GLU A 141 16.21 17.53 -11.24
CA GLU A 141 15.69 18.71 -11.93
C GLU A 141 14.97 18.35 -13.23
N THR A 142 15.33 17.22 -13.87
CA THR A 142 14.72 16.85 -15.13
C THR A 142 13.23 16.53 -14.98
N ASN A 143 12.80 16.10 -13.78
CA ASN A 143 11.43 15.67 -13.55
C ASN A 143 10.60 16.82 -12.98
N VAL A 144 10.36 17.81 -13.83
CA VAL A 144 9.54 18.97 -13.45
C VAL A 144 8.70 19.37 -14.65
N ASP A 145 7.40 19.50 -14.43
CA ASP A 145 6.44 19.81 -15.47
C ASP A 145 5.67 21.11 -15.17
N PRO B 1 8.34 -9.85 7.20
CA PRO B 1 7.88 -8.61 6.57
C PRO B 1 7.06 -8.81 5.32
N VAL B 2 6.40 -7.75 4.87
CA VAL B 2 5.80 -7.71 3.54
C VAL B 2 6.41 -6.54 2.81
N TYR B 3 7.13 -6.83 1.73
CA TYR B 3 7.71 -5.81 0.86
C TYR B 3 6.99 -5.81 -0.49
N MET B 4 6.21 -4.77 -0.71
CA MET B 4 5.59 -4.49 -2.00
C MET B 4 6.56 -3.72 -2.89
N VAL B 5 6.88 -4.29 -4.05
CA VAL B 5 7.91 -3.76 -4.93
C VAL B 5 7.25 -3.36 -6.24
N TYR B 6 7.13 -2.06 -6.45
CA TYR B 6 6.43 -1.54 -7.62
C TYR B 6 7.47 -1.29 -8.70
N VAL B 7 7.40 -2.07 -9.77
CA VAL B 7 8.30 -2.00 -10.91
C VAL B 7 7.46 -1.91 -12.17
N SER B 8 8.12 -1.55 -13.26
CA SER B 8 7.43 -1.53 -14.53
C SER B 8 7.50 -2.89 -15.22
N GLN B 9 6.47 -3.18 -16.00
CA GLN B 9 6.39 -4.42 -16.78
C GLN B 9 7.67 -4.68 -17.58
N ASP B 10 8.21 -5.89 -17.42
CA ASP B 10 9.42 -6.41 -18.08
C ASP B 10 10.71 -5.68 -17.72
N ARG B 11 10.69 -4.70 -16.81
CA ARG B 11 11.96 -4.15 -16.33
C ARG B 11 12.81 -5.22 -15.64
N LEU B 12 12.18 -6.10 -14.87
CA LEU B 12 12.86 -7.19 -14.18
C LEU B 12 12.49 -8.50 -14.84
N THR B 13 13.49 -9.19 -15.42
CA THR B 13 13.30 -10.55 -15.93
C THR B 13 12.86 -11.43 -14.78
N PRO B 14 12.37 -12.64 -15.04
CA PRO B 14 12.20 -13.61 -13.94
C PRO B 14 13.46 -13.79 -13.10
N SER B 15 14.62 -13.83 -13.73
CA SER B 15 15.86 -14.00 -13.00
C SER B 15 16.18 -12.76 -12.17
N ALA B 16 15.94 -11.58 -12.74
CA ALA B 16 16.18 -10.33 -12.01
C ALA B 16 15.24 -10.20 -10.81
N LYS B 17 13.97 -10.62 -10.97
CA LYS B 17 13.01 -10.58 -9.87
C LYS B 17 13.42 -11.49 -8.72
N HIS B 18 13.96 -12.68 -9.06
CA HIS B 18 14.42 -13.63 -8.04
C HIS B 18 15.64 -13.09 -7.29
N ALA B 19 16.61 -12.51 -8.00
CA ALA B 19 17.77 -11.95 -7.33
C ALA B 19 17.41 -10.74 -6.45
N VAL B 20 16.35 -10.02 -6.81
CA VAL B 20 15.96 -8.84 -6.04
C VAL B 20 15.25 -9.26 -4.75
N ALA B 21 14.26 -10.16 -4.87
CA ALA B 21 13.64 -10.78 -3.71
C ALA B 21 14.67 -11.42 -2.79
N LYS B 22 15.74 -11.96 -3.37
CA LYS B 22 16.80 -12.56 -2.57
C LYS B 22 17.59 -11.49 -1.81
N ALA B 23 17.94 -10.39 -2.49
CA ALA B 23 18.62 -9.28 -1.83
C ALA B 23 17.79 -8.71 -0.68
N ILE B 24 16.53 -8.38 -0.93
CA ILE B 24 15.67 -7.79 0.09
C ILE B 24 15.57 -8.73 1.30
N THR B 25 15.31 -10.02 1.03
CA THR B 25 15.18 -11.01 2.10
C THR B 25 16.46 -11.07 2.93
N ASP B 26 17.61 -11.17 2.27
CA ASP B 26 18.89 -11.32 2.96
C ASP B 26 19.21 -10.08 3.78
N ALA B 27 18.84 -8.89 3.29
CA ALA B 27 19.02 -7.68 4.09
C ALA B 27 18.18 -7.73 5.36
N HIS B 28 16.89 -8.06 5.22
CA HIS B 28 16.01 -8.07 6.38
C HIS B 28 16.36 -9.19 7.36
N ARG B 29 16.67 -10.38 6.85
CA ARG B 29 17.14 -11.45 7.71
C ARG B 29 18.42 -11.05 8.43
N GLY B 30 19.41 -10.57 7.68
CA GLY B 30 20.70 -10.31 8.28
C GLY B 30 20.68 -9.19 9.31
N LEU B 31 19.77 -8.23 9.17
CA LEU B 31 19.78 -7.09 10.07
C LEU B 31 18.76 -7.20 11.20
N THR B 32 17.63 -7.90 11.01
CA THR B 32 16.68 -8.07 12.09
C THR B 32 16.68 -9.47 12.69
N GLY B 33 17.29 -10.46 12.03
CA GLY B 33 17.31 -11.80 12.59
C GLY B 33 16.04 -12.61 12.40
N THR B 34 15.03 -12.08 11.72
CA THR B 34 13.85 -12.88 11.42
C THR B 34 14.16 -13.92 10.36
N GLN B 35 13.57 -15.10 10.49
CA GLN B 35 13.81 -16.18 9.55
C GLN B 35 13.48 -15.77 8.10
N HIS B 36 14.19 -16.38 7.14
CA HIS B 36 13.96 -16.09 5.73
C HIS B 36 12.48 -16.21 5.37
N PHE B 37 11.85 -17.32 5.76
CA PHE B 37 10.50 -17.64 5.31
C PHE B 37 9.46 -16.63 5.76
N LEU B 38 9.76 -15.81 6.78
CA LEU B 38 8.85 -14.74 7.15
C LEU B 38 8.93 -13.54 6.21
N ALA B 39 9.89 -13.52 5.30
CA ALA B 39 10.10 -12.37 4.42
C ALA B 39 9.35 -12.61 3.12
N GLN B 40 8.30 -11.82 2.89
CA GLN B 40 7.52 -11.86 1.66
C GLN B 40 7.90 -10.67 0.77
N VAL B 41 8.18 -10.95 -0.50
CA VAL B 41 8.45 -9.93 -1.50
C VAL B 41 7.44 -10.10 -2.63
N ASN B 42 6.58 -9.10 -2.81
CA ASN B 42 5.42 -9.16 -3.69
C ASN B 42 5.58 -8.11 -4.80
N PHE B 43 5.90 -8.59 -6.00
CA PHE B 43 6.16 -7.71 -7.13
C PHE B 43 4.85 -7.26 -7.77
N GLN B 44 4.74 -5.96 -7.96
CA GLN B 44 3.57 -5.30 -8.53
C GLN B 44 4.05 -4.65 -9.82
N GLU B 45 3.85 -5.33 -10.93
CA GLU B 45 4.20 -4.80 -12.24
C GLU B 45 3.03 -3.99 -12.79
N GLN B 46 3.38 -2.90 -13.46
CA GLN B 46 2.47 -2.01 -14.15
C GLN B 46 3.16 -1.58 -15.43
N PRO B 47 2.41 -1.27 -16.49
CA PRO B 47 3.05 -0.86 -17.74
C PRO B 47 3.93 0.37 -17.53
N ALA B 48 5.01 0.45 -18.30
CA ALA B 48 5.84 1.65 -18.27
C ALA B 48 4.99 2.86 -18.67
N GLY B 49 5.22 3.98 -17.99
CA GLY B 49 4.41 5.17 -18.18
C GLY B 49 3.35 5.38 -17.12
N ASN B 50 3.24 4.48 -16.15
CA ASN B 50 2.33 4.64 -15.04
C ASN B 50 2.96 5.35 -13.85
N VAL B 51 4.27 5.62 -13.93
CA VAL B 51 4.99 6.39 -12.93
C VAL B 51 5.18 7.81 -13.44
N PHE B 52 4.86 8.80 -12.61
CA PHE B 52 5.10 10.19 -12.91
C PHE B 52 6.00 10.77 -11.82
N LEU B 53 6.99 11.57 -12.22
CA LEU B 53 7.89 12.23 -11.26
C LEU B 53 7.81 13.73 -11.50
N GLY B 54 7.27 14.46 -10.54
CA GLY B 54 7.00 15.86 -10.76
C GLY B 54 6.14 16.14 -11.97
N GLY B 55 5.21 15.24 -12.31
CA GLY B 55 4.37 15.42 -13.47
C GLY B 55 5.01 15.01 -14.78
N VAL B 56 6.22 14.45 -14.76
CA VAL B 56 6.91 14.01 -15.95
C VAL B 56 6.74 12.51 -16.04
N GLN B 57 6.04 12.04 -17.07
CA GLN B 57 5.91 10.61 -17.31
C GLN B 57 7.28 9.99 -17.43
N GLN B 58 7.47 8.84 -16.78
CA GLN B 58 8.76 8.17 -16.69
C GLN B 58 8.77 6.91 -17.54
N GLY B 59 9.99 6.51 -17.93
CA GLY B 59 10.24 5.19 -18.47
C GLY B 59 10.07 4.12 -17.41
N GLY B 60 10.62 2.92 -17.63
CA GLY B 60 10.33 1.86 -16.69
C GLY B 60 11.37 1.53 -15.64
N ASP B 61 12.26 2.46 -15.33
CA ASP B 61 13.38 2.14 -14.43
C ASP B 61 13.06 2.38 -12.95
N THR B 62 12.02 3.13 -12.61
CA THR B 62 11.83 3.47 -11.21
C THR B 62 11.35 2.25 -10.41
N ILE B 63 11.88 2.11 -9.19
CA ILE B 63 11.55 1.02 -8.27
C ILE B 63 11.10 1.63 -6.95
N PHE B 64 9.89 1.29 -6.51
CA PHE B 64 9.38 1.70 -5.21
C PHE B 64 9.20 0.47 -4.35
N VAL B 65 10.03 0.35 -3.30
CA VAL B 65 9.88 -0.67 -2.28
C VAL B 65 9.09 -0.08 -1.12
N HIS B 66 7.92 -0.65 -0.84
CA HIS B 66 7.12 -0.30 0.32
C HIS B 66 7.27 -1.44 1.32
N GLY B 67 7.95 -1.19 2.43
CA GLY B 67 8.17 -2.20 3.45
C GLY B 67 7.19 -2.04 4.59
N LEU B 68 6.50 -3.15 4.91
CA LEU B 68 5.56 -3.24 6.04
C LEU B 68 6.20 -4.06 7.16
N HIS B 69 6.42 -3.41 8.31
CA HIS B 69 7.18 -3.94 9.43
C HIS B 69 6.37 -3.95 10.72
N ARG B 70 6.84 -4.74 11.68
CA ARG B 70 6.37 -4.61 13.06
C ARG B 70 7.02 -3.40 13.72
N GLU B 71 6.25 -2.72 14.59
CA GLU B 71 6.80 -1.67 15.43
C GLU B 71 7.87 -2.24 16.37
N GLY B 72 8.76 -1.37 16.84
CA GLY B 72 9.65 -1.72 17.94
C GLY B 72 11.14 -1.72 17.61
N ARG B 73 11.54 -1.44 16.39
CA ARG B 73 12.96 -1.36 16.04
C ARG B 73 13.42 0.10 16.03
N SER B 74 14.71 0.28 16.26
CA SER B 74 15.28 1.61 16.41
C SER B 74 15.29 2.34 15.07
N ALA B 75 15.36 3.68 15.14
CA ALA B 75 15.61 4.45 13.92
C ALA B 75 16.95 4.09 13.29
N ASP B 76 17.95 3.75 14.12
CA ASP B 76 19.25 3.31 13.62
C ASP B 76 19.13 2.08 12.74
N LEU B 77 18.58 1.00 13.31
CA LEU B 77 18.45 -0.24 12.54
C LEU B 77 17.62 -0.02 11.29
N LYS B 78 16.58 0.80 11.38
CA LYS B 78 15.74 1.02 10.22
C LYS B 78 16.50 1.80 9.16
N GLY B 79 17.34 2.75 9.59
CA GLY B 79 18.24 3.41 8.67
C GLY B 79 19.17 2.44 7.96
N GLN B 80 19.87 1.59 8.71
CA GLN B 80 20.81 0.67 8.09
C GLN B 80 20.11 -0.24 7.08
N LEU B 81 18.90 -0.71 7.41
CA LEU B 81 18.20 -1.67 6.57
C LEU B 81 17.71 -1.03 5.27
N ALA B 82 17.19 0.20 5.36
CA ALA B 82 16.75 0.91 4.17
C ALA B 82 17.92 1.14 3.22
N GLN B 83 19.04 1.64 3.73
CA GLN B 83 20.23 1.83 2.90
C GLN B 83 20.69 0.51 2.28
N ARG B 84 20.67 -0.56 3.05
CA ARG B 84 21.13 -1.82 2.50
C ARG B 84 20.20 -2.33 1.41
N ILE B 85 18.90 -2.07 1.52
CA ILE B 85 17.99 -2.42 0.43
C ILE B 85 18.29 -1.61 -0.84
N VAL B 86 18.59 -0.32 -0.70
CA VAL B 86 18.92 0.51 -1.85
C VAL B 86 20.15 -0.04 -2.57
N ASP B 87 21.25 -0.23 -1.83
CA ASP B 87 22.48 -0.77 -2.41
C ASP B 87 22.24 -2.16 -2.99
N ASP B 88 21.58 -3.03 -2.23
CA ASP B 88 21.52 -4.42 -2.64
C ASP B 88 20.52 -4.64 -3.76
N VAL B 89 19.41 -3.89 -3.78
CA VAL B 89 18.53 -3.95 -4.94
C VAL B 89 19.21 -3.34 -6.17
N SER B 90 20.05 -2.31 -5.98
CA SER B 90 20.77 -1.73 -7.11
C SER B 90 21.66 -2.76 -7.79
N VAL B 91 22.45 -3.49 -7.01
CA VAL B 91 23.27 -4.53 -7.61
C VAL B 91 22.36 -5.58 -8.26
N ALA B 92 21.39 -6.09 -7.50
CA ALA B 92 20.60 -7.24 -7.97
C ALA B 92 19.78 -6.90 -9.21
N ALA B 93 19.31 -5.65 -9.31
CA ALA B 93 18.57 -5.18 -10.47
C ALA B 93 19.45 -4.44 -11.49
N GLU B 94 20.74 -4.31 -11.22
CA GLU B 94 21.65 -3.57 -12.09
C GLU B 94 21.03 -2.23 -12.50
N ILE B 95 20.76 -1.43 -11.47
CA ILE B 95 20.04 -0.18 -11.62
C ILE B 95 20.68 0.87 -10.73
N ASP B 96 20.89 2.07 -11.28
CA ASP B 96 21.51 3.16 -10.54
C ASP B 96 20.66 3.48 -9.32
N ARG B 97 21.32 3.84 -8.22
CA ARG B 97 20.62 4.04 -6.94
C ARG B 97 19.60 5.16 -7.02
N LYS B 98 19.70 6.04 -8.01
CA LYS B 98 18.84 7.20 -8.12
C LYS B 98 17.39 6.85 -8.48
N HIS B 99 17.10 5.62 -8.89
CA HIS B 99 15.76 5.22 -9.27
C HIS B 99 15.00 4.53 -8.14
N ILE B 100 15.61 4.42 -6.95
CA ILE B 100 15.13 3.53 -5.91
C ILE B 100 14.48 4.37 -4.82
N TRP B 101 13.24 4.01 -4.49
CA TRP B 101 12.49 4.63 -3.41
C TRP B 101 12.11 3.53 -2.42
N VAL B 102 12.22 3.83 -1.14
CA VAL B 102 12.04 2.85 -0.07
C VAL B 102 11.33 3.54 1.09
N TYR B 103 10.12 3.08 1.44
CA TYR B 103 9.40 3.57 2.61
C TYR B 103 9.06 2.42 3.54
N PHE B 104 9.31 2.60 4.83
CA PHE B 104 8.98 1.63 5.87
C PHE B 104 7.80 2.15 6.68
N GLY B 105 6.73 1.37 6.73
CA GLY B 105 5.59 1.66 7.59
C GLY B 105 5.51 0.58 8.66
N GLU B 106 5.12 0.99 9.88
CA GLU B 106 5.11 0.08 11.02
C GLU B 106 3.75 0.07 11.68
N MET B 107 3.40 -1.10 12.22
CA MET B 107 2.12 -1.37 12.84
C MET B 107 2.37 -2.29 14.02
N PRO B 108 1.52 -2.23 15.06
CA PRO B 108 1.68 -3.16 16.19
C PRO B 108 1.58 -4.61 15.72
N ALA B 109 2.45 -5.46 16.28
CA ALA B 109 2.50 -6.87 15.90
C ALA B 109 1.18 -7.58 16.13
N GLN B 110 0.37 -7.10 17.08
CA GLN B 110 -0.87 -7.77 17.45
C GLN B 110 -1.93 -7.70 16.36
N GLN B 111 -1.76 -6.83 15.36
CA GLN B 111 -2.74 -6.68 14.30
C GLN B 111 -2.14 -7.07 12.95
N MET B 112 -1.21 -8.04 12.97
CA MET B 112 -0.46 -8.46 11.79
C MET B 112 -0.44 -9.97 11.74
N VAL B 113 -0.82 -10.54 10.61
CA VAL B 113 -0.95 -11.98 10.47
C VAL B 113 -0.01 -12.46 9.37
N ASN B 114 0.51 -13.66 9.57
CA ASN B 114 1.60 -14.22 8.80
C ASN B 114 1.35 -15.72 8.72
N TYR B 115 1.19 -16.25 7.50
CA TYR B 115 0.76 -17.64 7.32
C TYR B 115 -0.47 -17.96 8.16
N GLY B 116 -1.40 -17.00 8.27
CA GLY B 116 -2.54 -17.22 9.14
C GLY B 116 -2.29 -17.20 10.65
N ARG B 117 -1.09 -16.82 11.11
CA ARG B 117 -0.78 -16.75 12.53
C ARG B 117 -0.29 -15.35 12.89
N PHE B 118 -0.69 -14.89 14.07
CA PHE B 118 -0.27 -13.57 14.53
C PHE B 118 1.23 -13.56 14.83
N LEU B 119 1.88 -12.47 14.44
CA LEU B 119 3.31 -12.34 14.58
C LEU B 119 3.69 -12.11 16.05
N PRO B 120 4.90 -12.53 16.45
CA PRO B 120 5.41 -12.16 17.78
C PRO B 120 6.01 -10.75 17.74
N GLN B 121 6.47 -10.29 18.92
CA GLN B 121 7.24 -9.06 18.96
C GLN B 121 8.58 -9.28 18.26
N PRO B 122 9.19 -8.22 17.71
CA PRO B 122 10.50 -8.38 17.07
C PRO B 122 11.52 -8.87 18.09
N GLY B 123 12.36 -9.82 17.64
CA GLY B 123 13.31 -10.48 18.50
C GLY B 123 12.82 -11.77 19.11
N HIS B 124 11.51 -12.04 19.04
CA HIS B 124 10.89 -13.21 19.66
C HIS B 124 10.49 -14.26 18.63
N GLU B 125 11.18 -14.29 17.49
CA GLU B 125 10.77 -15.15 16.37
C GLU B 125 11.10 -16.62 16.59
N GLY B 126 12.18 -16.92 17.31
CA GLY B 126 12.53 -18.32 17.54
C GLY B 126 11.58 -19.02 18.50
N GLU B 127 11.18 -18.36 19.58
CA GLU B 127 10.20 -18.95 20.47
C GLU B 127 8.83 -19.10 19.79
N TRP B 128 8.49 -18.19 18.90
CA TRP B 128 7.20 -18.25 18.22
C TRP B 128 7.17 -19.34 17.16
N PHE B 129 8.30 -19.54 16.46
CA PHE B 129 8.41 -20.67 15.54
C PHE B 129 8.33 -22.00 16.28
N ASP B 130 9.12 -22.15 17.35
CA ASP B 130 9.08 -23.38 18.14
C ASP B 130 7.67 -23.69 18.63
N ASN B 131 6.87 -22.65 18.91
CA ASN B 131 5.50 -22.86 19.37
C ASN B 131 4.56 -23.33 18.26
N LEU B 132 4.99 -23.30 17.01
CA LEU B 132 4.08 -23.66 15.94
C LEU B 132 3.92 -25.16 15.82
N SER B 133 2.79 -25.57 15.26
CA SER B 133 2.55 -26.97 15.02
C SER B 133 3.55 -27.49 13.99
N SER B 134 3.73 -28.81 13.99
CA SER B 134 4.76 -29.44 13.18
C SER B 134 4.54 -29.23 11.69
N ASP B 135 3.29 -29.36 11.20
CA ASP B 135 3.02 -29.09 9.79
C ASP B 135 3.26 -27.64 9.41
N GLU B 136 2.90 -26.72 10.31
CA GLU B 136 3.15 -25.30 10.03
C GLU B 136 4.65 -25.03 9.95
N ARG B 137 5.44 -25.59 10.88
CA ARG B 137 6.90 -25.46 10.80
C ARG B 137 7.43 -25.99 9.47
N ALA B 138 7.11 -27.25 9.14
CA ALA B 138 7.59 -27.83 7.88
C ALA B 138 7.20 -26.95 6.69
N PHE B 139 5.96 -26.47 6.65
CA PHE B 139 5.53 -25.65 5.51
C PHE B 139 6.35 -24.37 5.38
N MET B 140 6.54 -23.63 6.49
CA MET B 140 7.38 -22.43 6.46
C MET B 140 8.77 -22.75 5.94
N GLU B 141 9.35 -23.87 6.37
CA GLU B 141 10.73 -24.22 6.03
C GLU B 141 10.93 -24.42 4.54
N THR B 142 9.89 -24.86 3.83
CA THR B 142 10.02 -25.00 2.38
C THR B 142 10.31 -23.66 1.71
N ASN B 143 10.01 -22.55 2.39
CA ASN B 143 10.11 -21.20 1.81
C ASN B 143 11.40 -20.51 2.20
N VAL B 144 12.53 -21.15 1.97
CA VAL B 144 13.82 -20.62 2.37
C VAL B 144 14.77 -20.84 1.20
N ASP B 145 15.32 -19.74 0.67
CA ASP B 145 16.33 -19.74 -0.40
C ASP B 145 17.59 -19.00 0.08
N PRO C 1 -13.76 1.09 5.35
CA PRO C 1 -12.35 0.76 5.11
C PRO C 1 -12.00 0.56 3.63
N VAL C 2 -10.70 0.54 3.38
CA VAL C 2 -10.14 0.04 2.14
C VAL C 2 -9.34 -1.21 2.49
N TYR C 3 -9.72 -2.33 1.89
CA TYR C 3 -8.94 -3.56 1.93
C TYR C 3 -8.28 -3.77 0.57
N MET C 4 -6.96 -3.71 0.54
CA MET C 4 -6.18 -4.07 -0.63
C MET C 4 -5.85 -5.55 -0.55
N VAL C 5 -6.35 -6.33 -1.51
CA VAL C 5 -6.29 -7.79 -1.46
C VAL C 5 -5.43 -8.24 -2.63
N TYR C 6 -4.18 -8.60 -2.35
CA TYR C 6 -3.20 -8.94 -3.36
C TYR C 6 -3.27 -10.43 -3.66
N VAL C 7 -3.67 -10.77 -4.88
CA VAL C 7 -3.83 -12.17 -5.26
C VAL C 7 -3.26 -12.34 -6.66
N SER C 8 -3.03 -13.60 -7.02
CA SER C 8 -2.52 -13.92 -8.34
C SER C 8 -3.66 -13.97 -9.35
N GLN C 9 -3.37 -13.54 -10.58
CA GLN C 9 -4.34 -13.67 -11.68
C GLN C 9 -4.92 -15.08 -11.73
N ASP C 10 -6.25 -15.14 -11.87
CA ASP C 10 -7.03 -16.34 -12.17
C ASP C 10 -7.35 -17.16 -10.92
N ARG C 11 -6.54 -17.04 -9.85
CA ARG C 11 -6.79 -17.84 -8.66
C ARG C 11 -8.20 -17.64 -8.11
N LEU C 12 -8.77 -16.47 -8.31
CA LEU C 12 -10.15 -16.21 -7.91
C LEU C 12 -10.99 -15.87 -9.13
N THR C 13 -12.09 -16.58 -9.31
CA THR C 13 -13.07 -16.26 -10.31
C THR C 13 -13.89 -15.06 -9.85
N PRO C 14 -14.66 -14.45 -10.75
CA PRO C 14 -15.57 -13.37 -10.32
C PRO C 14 -16.47 -13.74 -9.15
N SER C 15 -16.85 -15.01 -9.01
CA SER C 15 -17.68 -15.39 -7.88
C SER C 15 -16.85 -15.65 -6.63
N ALA C 16 -15.60 -16.11 -6.75
CA ALA C 16 -14.75 -16.16 -5.56
C ALA C 16 -14.44 -14.76 -5.05
N LYS C 17 -14.22 -13.80 -5.96
CA LYS C 17 -13.94 -12.42 -5.56
C LYS C 17 -15.09 -11.84 -4.76
N HIS C 18 -16.31 -11.88 -5.32
CA HIS C 18 -17.48 -11.45 -4.59
C HIS C 18 -17.60 -12.16 -3.24
N ALA C 19 -17.36 -13.48 -3.23
CA ALA C 19 -17.37 -14.22 -1.98
C ALA C 19 -16.30 -13.70 -1.02
N VAL C 20 -15.10 -13.42 -1.52
CA VAL C 20 -14.03 -12.93 -0.67
C VAL C 20 -14.34 -11.53 -0.17
N ALA C 21 -14.98 -10.70 -1.00
CA ALA C 21 -15.37 -9.35 -0.61
C ALA C 21 -16.52 -9.35 0.41
N LYS C 22 -17.45 -10.30 0.29
CA LYS C 22 -18.54 -10.35 1.25
C LYS C 22 -18.05 -10.79 2.62
N ALA C 23 -17.12 -11.75 2.65
CA ALA C 23 -16.59 -12.23 3.93
C ALA C 23 -15.85 -11.12 4.68
N ILE C 24 -15.14 -10.26 3.94
CA ILE C 24 -14.38 -9.18 4.56
C ILE C 24 -15.32 -8.04 4.97
N THR C 25 -16.27 -7.69 4.11
CA THR C 25 -17.22 -6.63 4.45
C THR C 25 -18.09 -7.02 5.64
N ASP C 26 -18.47 -8.29 5.74
CA ASP C 26 -19.28 -8.77 6.86
C ASP C 26 -18.50 -8.73 8.17
N ALA C 27 -17.23 -9.13 8.13
CA ALA C 27 -16.42 -9.10 9.34
C ALA C 27 -16.25 -7.67 9.84
N HIS C 28 -15.86 -6.76 8.96
CA HIS C 28 -15.63 -5.39 9.38
C HIS C 28 -16.91 -4.75 9.87
N ARG C 29 -17.99 -4.91 9.11
CA ARG C 29 -19.28 -4.37 9.52
C ARG C 29 -19.74 -4.99 10.84
N GLY C 30 -19.67 -6.32 10.93
CA GLY C 30 -20.10 -7.00 12.14
C GLY C 30 -19.30 -6.59 13.37
N LEU C 31 -17.99 -6.45 13.23
CA LEU C 31 -17.19 -6.23 14.42
C LEU C 31 -16.96 -4.76 14.74
N THR C 32 -17.20 -3.84 13.79
CA THR C 32 -17.00 -2.41 14.04
C THR C 32 -18.26 -1.57 13.94
N GLY C 33 -19.36 -2.10 13.40
CA GLY C 33 -20.58 -1.35 13.23
C GLY C 33 -20.59 -0.39 12.06
N THR C 34 -19.47 -0.23 11.35
CA THR C 34 -19.46 0.58 10.13
C THR C 34 -20.44 0.01 9.11
N GLN C 35 -21.17 0.90 8.46
CA GLN C 35 -22.23 0.49 7.53
C GLN C 35 -21.62 -0.15 6.27
N HIS C 36 -22.36 -1.13 5.74
CA HIS C 36 -21.96 -1.89 4.55
C HIS C 36 -21.19 -1.07 3.50
N PHE C 37 -21.77 0.05 3.05
CA PHE C 37 -21.26 0.76 1.88
C PHE C 37 -19.92 1.43 2.11
N LEU C 38 -19.44 1.53 3.35
CA LEU C 38 -18.19 2.22 3.62
C LEU C 38 -16.98 1.28 3.50
N ALA C 39 -17.20 0.00 3.24
CA ALA C 39 -16.13 -0.98 3.12
C ALA C 39 -15.79 -1.17 1.65
N GLN C 40 -14.60 -0.71 1.25
CA GLN C 40 -14.09 -0.92 -0.09
C GLN C 40 -13.13 -2.10 -0.08
N VAL C 41 -13.37 -3.08 -0.96
CA VAL C 41 -12.47 -4.21 -1.14
C VAL C 41 -11.91 -4.14 -2.56
N ASN C 42 -10.59 -4.01 -2.66
CA ASN C 42 -9.92 -3.71 -3.92
C ASN C 42 -8.94 -4.84 -4.23
N PHE C 43 -9.23 -5.61 -5.26
CA PHE C 43 -8.37 -6.74 -5.62
C PHE C 43 -7.23 -6.25 -6.51
N GLN C 44 -6.01 -6.64 -6.16
CA GLN C 44 -4.82 -6.35 -6.94
C GLN C 44 -4.29 -7.68 -7.43
N GLU C 45 -4.45 -7.94 -8.72
CA GLU C 45 -4.00 -9.18 -9.33
C GLU C 45 -2.67 -8.96 -10.02
N GLN C 46 -1.80 -9.94 -9.88
CA GLN C 46 -0.49 -9.96 -10.51
C GLN C 46 -0.26 -11.38 -10.96
N PRO C 47 0.60 -11.61 -11.97
CA PRO C 47 0.82 -12.98 -12.43
C PRO C 47 1.44 -13.86 -11.36
N ALA C 48 1.06 -15.14 -11.39
CA ALA C 48 1.65 -16.12 -10.48
C ALA C 48 3.15 -16.14 -10.63
N GLY C 49 3.86 -16.24 -9.52
CA GLY C 49 5.30 -16.14 -9.52
C GLY C 49 5.84 -14.77 -9.17
N ASN C 50 4.98 -13.76 -9.05
CA ASN C 50 5.40 -12.44 -8.57
C ASN C 50 5.47 -12.37 -7.05
N VAL C 51 5.08 -13.44 -6.35
CA VAL C 51 5.21 -13.51 -4.91
C VAL C 51 6.37 -14.43 -4.57
N PHE C 52 7.25 -13.97 -3.68
CA PHE C 52 8.38 -14.73 -3.17
C PHE C 52 8.30 -14.80 -1.65
N LEU C 53 8.46 -16.00 -1.11
CA LEU C 53 8.58 -16.19 0.34
C LEU C 53 9.96 -16.73 0.62
N GLY C 54 10.68 -16.06 1.54
CA GLY C 54 12.06 -16.42 1.81
C GLY C 54 12.92 -16.47 0.55
N GLY C 55 12.55 -15.66 -0.45
CA GLY C 55 13.26 -15.67 -1.71
C GLY C 55 12.91 -16.81 -2.65
N VAL C 56 11.85 -17.55 -2.37
CA VAL C 56 11.40 -18.69 -3.18
C VAL C 56 10.14 -18.28 -3.93
N GLN C 57 10.19 -18.33 -5.26
CA GLN C 57 9.00 -18.08 -6.06
C GLN C 57 7.82 -18.96 -5.61
N GLN C 58 6.66 -18.33 -5.46
CA GLN C 58 5.43 -19.01 -5.05
C GLN C 58 4.57 -19.37 -6.26
N GLY C 59 3.63 -20.27 -6.04
CA GLY C 59 2.54 -20.49 -6.96
C GLY C 59 1.55 -19.35 -6.83
N GLY C 60 0.26 -19.61 -7.02
CA GLY C 60 -0.65 -18.50 -7.03
C GLY C 60 -1.71 -18.51 -5.93
N ASP C 61 -1.36 -19.02 -4.76
CA ASP C 61 -2.28 -19.19 -3.64
C ASP C 61 -2.12 -18.12 -2.56
N THR C 62 -0.98 -17.46 -2.50
CA THR C 62 -0.75 -16.49 -1.45
C THR C 62 -1.79 -15.38 -1.52
N ILE C 63 -2.36 -15.04 -0.38
CA ILE C 63 -3.32 -13.95 -0.27
C ILE C 63 -2.82 -13.00 0.80
N PHE C 64 -2.65 -11.74 0.43
CA PHE C 64 -2.21 -10.72 1.37
C PHE C 64 -3.29 -9.65 1.43
N VAL C 65 -3.84 -9.44 2.62
CA VAL C 65 -4.88 -8.44 2.86
C VAL C 65 -4.24 -7.30 3.65
N HIS C 66 -4.17 -6.11 3.04
CA HIS C 66 -3.68 -4.92 3.71
C HIS C 66 -4.90 -4.04 4.02
N GLY C 67 -5.29 -3.97 5.28
CA GLY C 67 -6.45 -3.19 5.70
C GLY C 67 -6.03 -1.84 6.22
N LEU C 68 -6.65 -0.80 5.68
CA LEU C 68 -6.34 0.58 6.06
C LEU C 68 -7.53 1.14 6.85
N HIS C 69 -7.32 1.37 8.14
CA HIS C 69 -8.37 1.73 9.08
C HIS C 69 -8.13 3.11 9.66
N ARG C 70 -9.19 3.65 10.25
CA ARG C 70 -9.07 4.78 11.16
C ARG C 70 -8.50 4.28 12.47
N GLU C 71 -7.71 5.13 13.13
CA GLU C 71 -7.29 4.75 14.48
C GLU C 71 -8.43 4.95 15.46
N GLY C 72 -8.26 4.38 16.65
CA GLY C 72 -9.25 4.47 17.70
C GLY C 72 -9.90 3.16 18.12
N ARG C 73 -9.58 2.02 17.54
CA ARG C 73 -10.08 0.76 18.05
C ARG C 73 -9.02 0.04 18.89
N SER C 74 -9.51 -0.85 19.74
CA SER C 74 -8.70 -1.61 20.67
C SER C 74 -7.93 -2.72 19.96
N ALA C 75 -6.87 -3.16 20.61
CA ALA C 75 -6.11 -4.32 20.14
C ALA C 75 -6.95 -5.59 20.15
N ASP C 76 -7.80 -5.77 21.18
CA ASP C 76 -8.80 -6.84 21.16
C ASP C 76 -9.60 -6.86 19.87
N LEU C 77 -10.31 -5.77 19.59
CA LEU C 77 -11.17 -5.71 18.40
C LEU C 77 -10.36 -6.02 17.13
N LYS C 78 -9.25 -5.34 16.96
CA LYS C 78 -8.42 -5.56 15.79
C LYS C 78 -7.96 -7.01 15.73
N GLY C 79 -7.68 -7.60 16.89
CA GLY C 79 -7.26 -8.99 16.91
C GLY C 79 -8.37 -9.91 16.42
N GLN C 80 -9.59 -9.71 16.93
CA GLN C 80 -10.75 -10.45 16.46
C GLN C 80 -11.03 -10.20 14.99
N LEU C 81 -10.95 -8.95 14.55
CA LEU C 81 -11.26 -8.64 13.16
C LEU C 81 -10.31 -9.38 12.20
N ALA C 82 -9.02 -9.39 12.53
CA ALA C 82 -8.05 -10.04 11.65
C ALA C 82 -8.26 -11.55 11.65
N GLN C 83 -8.50 -12.15 12.82
CA GLN C 83 -8.72 -13.60 12.89
C GLN C 83 -9.94 -14.01 12.08
N ARG C 84 -11.00 -13.21 12.13
CA ARG C 84 -12.19 -13.49 11.34
C ARG C 84 -11.93 -13.29 9.84
N ILE C 85 -11.06 -12.35 9.47
CA ILE C 85 -10.73 -12.24 8.06
C ILE C 85 -9.96 -13.47 7.60
N VAL C 86 -9.02 -13.95 8.41
CA VAL C 86 -8.30 -15.18 8.08
C VAL C 86 -9.30 -16.34 7.90
N ASP C 87 -10.12 -16.61 8.93
CA ASP C 87 -11.09 -17.70 8.84
C ASP C 87 -12.01 -17.52 7.63
N ASP C 88 -12.66 -16.37 7.53
CA ASP C 88 -13.74 -16.20 6.56
C ASP C 88 -13.23 -16.08 5.13
N VAL C 89 -12.01 -15.55 4.91
CA VAL C 89 -11.41 -15.56 3.58
C VAL C 89 -10.96 -16.98 3.20
N SER C 90 -10.42 -17.72 4.17
CA SER C 90 -10.10 -19.12 3.93
C SER C 90 -11.29 -19.88 3.37
N VAL C 91 -12.45 -19.73 4.02
CA VAL C 91 -13.70 -20.32 3.54
C VAL C 91 -14.05 -19.80 2.15
N ALA C 92 -14.22 -18.48 2.02
CA ALA C 92 -14.69 -17.91 0.76
C ALA C 92 -13.79 -18.30 -0.40
N ALA C 93 -12.49 -18.15 -0.23
CA ALA C 93 -11.58 -18.40 -1.35
C ALA C 93 -11.21 -19.86 -1.47
N GLU C 94 -11.60 -20.69 -0.51
CA GLU C 94 -11.29 -22.13 -0.51
C GLU C 94 -9.78 -22.36 -0.45
N ILE C 95 -9.07 -21.54 0.35
CA ILE C 95 -7.61 -21.60 0.52
C ILE C 95 -7.28 -22.01 1.94
N ASP C 96 -6.13 -22.68 2.08
CA ASP C 96 -5.57 -22.98 3.40
C ASP C 96 -5.09 -21.71 4.12
N ARG C 97 -5.49 -21.57 5.38
CA ARG C 97 -5.13 -20.40 6.19
C ARG C 97 -3.64 -20.11 6.19
N LYS C 98 -2.81 -21.11 5.88
CA LYS C 98 -1.35 -20.93 5.79
C LYS C 98 -0.96 -20.05 4.62
N HIS C 99 -1.88 -19.73 3.72
CA HIS C 99 -1.61 -18.82 2.62
C HIS C 99 -2.00 -17.38 2.90
N ILE C 100 -2.65 -17.10 4.03
CA ILE C 100 -3.33 -15.83 4.24
C ILE C 100 -2.51 -14.94 5.19
N TRP C 101 -2.16 -13.76 4.69
CA TRP C 101 -1.46 -12.74 5.44
C TRP C 101 -2.41 -11.55 5.59
N VAL C 102 -2.36 -10.88 6.74
CA VAL C 102 -3.26 -9.75 7.01
C VAL C 102 -2.53 -8.71 7.85
N TYR C 103 -2.36 -7.52 7.28
CA TYR C 103 -1.82 -6.36 7.99
C TYR C 103 -2.89 -5.28 8.08
N PHE C 104 -3.16 -4.82 9.30
CA PHE C 104 -4.00 -3.65 9.54
C PHE C 104 -3.11 -2.44 9.76
N GLY C 105 -3.31 -1.39 8.96
CA GLY C 105 -2.69 -0.09 9.19
C GLY C 105 -3.72 0.94 9.61
N GLU C 106 -3.35 1.83 10.50
CA GLU C 106 -4.27 2.85 11.01
C GLU C 106 -3.75 4.25 10.75
N MET C 107 -4.64 5.12 10.28
CA MET C 107 -4.41 6.55 10.14
C MET C 107 -5.47 7.32 10.92
N PRO C 108 -5.21 8.57 11.26
CA PRO C 108 -6.27 9.44 11.80
C PRO C 108 -7.35 9.70 10.75
N ALA C 109 -8.61 9.58 11.18
CA ALA C 109 -9.75 9.78 10.29
C ALA C 109 -9.81 11.20 9.71
N GLN C 110 -9.17 12.18 10.36
CA GLN C 110 -9.08 13.54 9.82
C GLN C 110 -8.43 13.58 8.45
N GLN C 111 -7.60 12.59 8.13
CA GLN C 111 -6.83 12.60 6.90
C GLN C 111 -7.24 11.45 5.98
N MET C 112 -8.51 11.03 6.08
CA MET C 112 -9.08 9.92 5.33
C MET C 112 -10.39 10.38 4.69
N VAL C 113 -10.64 9.94 3.45
CA VAL C 113 -11.79 10.38 2.67
C VAL C 113 -12.41 9.16 1.99
N ASN C 114 -13.73 9.01 2.08
CA ASN C 114 -14.46 8.13 1.17
C ASN C 114 -15.69 8.83 0.66
N TYR C 115 -16.01 8.56 -0.62
CA TYR C 115 -17.10 9.22 -1.33
C TYR C 115 -16.91 10.74 -1.37
N GLY C 116 -15.66 11.19 -1.44
CA GLY C 116 -15.37 12.61 -1.49
C GLY C 116 -15.53 13.33 -0.18
N ARG C 117 -15.75 12.62 0.93
CA ARG C 117 -16.06 13.23 2.20
C ARG C 117 -15.17 12.67 3.30
N PHE C 118 -14.83 13.52 4.27
CA PHE C 118 -13.99 13.07 5.38
C PHE C 118 -14.78 12.14 6.30
N LEU C 119 -14.12 11.10 6.77
CA LEU C 119 -14.79 10.06 7.53
C LEU C 119 -15.12 10.59 8.92
N PRO C 120 -15.95 9.87 9.69
CA PRO C 120 -16.12 10.19 11.13
C PRO C 120 -15.10 9.46 11.99
N GLN C 121 -15.12 9.71 13.29
CA GLN C 121 -14.49 8.81 14.22
C GLN C 121 -15.31 7.53 14.28
N PRO C 122 -14.67 6.40 14.62
CA PRO C 122 -15.48 5.22 15.00
C PRO C 122 -16.42 5.49 16.18
N GLY C 123 -16.09 6.45 17.05
CA GLY C 123 -16.91 7.01 18.12
C GLY C 123 -17.93 8.07 17.69
N HIS C 124 -18.05 8.33 16.40
CA HIS C 124 -19.22 8.98 15.83
C HIS C 124 -19.91 7.97 14.92
N GLU C 125 -20.36 8.43 13.74
CA GLU C 125 -21.04 7.68 12.68
C GLU C 125 -22.55 7.76 12.89
N GLY C 126 -23.32 7.19 11.96
CA GLY C 126 -24.76 7.37 11.97
C GLY C 126 -25.10 8.81 11.67
N GLU C 127 -24.76 9.69 12.62
CA GLU C 127 -24.96 11.12 12.46
C GLU C 127 -24.05 11.73 11.40
N TRP C 128 -22.93 11.09 11.07
CA TRP C 128 -22.18 11.52 9.89
C TRP C 128 -22.95 11.21 8.63
N PHE C 129 -23.52 10.00 8.57
CA PHE C 129 -24.34 9.61 7.43
C PHE C 129 -25.54 10.54 7.29
N ASP C 130 -26.33 10.68 8.35
CA ASP C 130 -27.53 11.51 8.29
C ASP C 130 -27.20 12.98 8.06
N ASN C 131 -25.94 13.39 8.26
CA ASN C 131 -25.52 14.74 7.91
C ASN C 131 -25.09 14.88 6.46
N LEU C 132 -25.01 13.78 5.71
CA LEU C 132 -24.67 13.88 4.30
C LEU C 132 -25.86 14.37 3.49
N SER C 133 -25.61 14.79 2.25
CA SER C 133 -26.71 15.22 1.41
C SER C 133 -27.51 13.99 0.93
N SER C 134 -28.76 14.24 0.51
CA SER C 134 -29.64 13.12 0.17
C SER C 134 -29.18 12.43 -1.11
N ASP C 135 -28.67 13.18 -2.09
CA ASP C 135 -28.07 12.54 -3.25
C ASP C 135 -26.83 11.77 -2.84
N GLU C 136 -26.17 12.24 -1.79
CA GLU C 136 -24.95 11.61 -1.31
C GLU C 136 -25.29 10.27 -0.65
N ARG C 137 -26.25 10.30 0.29
CA ARG C 137 -26.72 9.06 0.92
C ARG C 137 -27.24 8.07 -0.12
N ALA C 138 -27.96 8.59 -1.13
CA ALA C 138 -28.59 7.72 -2.12
C ALA C 138 -27.55 6.93 -2.90
N PHE C 139 -26.48 7.59 -3.36
CA PHE C 139 -25.43 6.89 -4.09
C PHE C 139 -24.76 5.85 -3.21
N MET C 140 -24.52 6.21 -1.95
CA MET C 140 -23.97 5.26 -0.98
C MET C 140 -24.88 4.05 -0.78
N GLU C 141 -26.20 4.28 -0.82
CA GLU C 141 -27.16 3.24 -0.49
C GLU C 141 -27.18 2.14 -1.55
N THR C 142 -26.92 2.47 -2.82
CA THR C 142 -26.90 1.44 -3.85
C THR C 142 -25.77 0.45 -3.65
N ASN C 143 -24.95 0.61 -2.61
CA ASN C 143 -23.77 -0.21 -2.42
C ASN C 143 -23.91 -1.06 -1.16
N VAL C 144 -24.97 -1.88 -1.10
CA VAL C 144 -25.21 -2.79 0.02
C VAL C 144 -25.57 -4.15 -0.56
N ASP C 145 -24.95 -5.20 -0.01
CA ASP C 145 -25.24 -6.56 -0.45
C ASP C 145 -25.77 -7.41 0.71
C1 FK2 D . 7.16 13.24 1.39
C2 FK2 D . 6.75 11.82 1.76
O1 FK2 D . 6.80 10.89 1.00
C FK2 D . 6.25 14.33 1.94
O FK2 D . 5.63 14.16 2.99
O2 FK2 D . 6.14 15.44 1.34
C1 FK2 E . 7.53 -8.10 10.15
C2 FK2 E . 6.52 -7.24 9.38
O1 FK2 E . 5.82 -7.67 8.51
C FK2 E . 8.83 -7.40 10.52
O FK2 E . 8.86 -6.26 11.00
O2 FK2 E . 9.93 -7.96 10.42
C01 A1BXY F . -11.77 3.13 7.15
C02 A1BXY F . -12.06 2.64 8.19
C03 A1BXY F . -12.40 2.02 9.52
O04 A1BXY F . -11.68 2.25 10.52
O05 A1BXY F . -13.38 1.26 9.63
#